data_3CS6
#
_entry.id   3CS6
#
_cell.length_a   45.055
_cell.length_b   51.458
_cell.length_c   132.132
_cell.angle_alpha   90.00
_cell.angle_beta   90.00
_cell.angle_gamma   90.00
#
_symmetry.space_group_name_H-M   'P 21 21 21'
#
loop_
_entity.id
_entity.type
_entity.pdbx_description
1 polymer 'Vitamin D3 receptor'
2 non-polymer (1S,3R,5Z,7E,14beta,17alpha,23R)-23-(2-hydroxy-2-methylpropyl)-20,24-epoxy-9,10-secochola-5,7,10-triene-1,3-diol
3 water water
#
_entity_poly.entity_id   1
_entity_poly.type   'polypeptide(L)'
_entity_poly.pdbx_seq_one_letter_code
;GSHMDSLRPKLSEEQQRIIAILLDAHHKTYDPTYSDFCQFRPPVRVNDGGGSVTLELSQLSMLPHLADLVSYSIQKVIGF
AKMIPGFRDLTSEDQIVLLKSSAIEVIMLRSNESFTMDDMSWTCGNQDYKYRVSDVTKAGHSLELIEPLIKFQVGLKKLN
LHEEEHVLLMAICIVSPDRPGVQDAALIEAIQDRLSNTLQTYIRCRHPPPGSHLLYAKMIQKLADLRSLNEEHSKQYRCL
SFQPECSMKLTPLVLEVFGNEIS
;
_entity_poly.pdbx_strand_id   A
#
# COMPACT_ATOMS: atom_id res chain seq x y z
N SER A 6 -19.30 13.25 -20.57
CA SER A 6 -20.17 14.39 -20.97
C SER A 6 -20.72 15.09 -19.74
N LEU A 7 -21.70 14.48 -19.08
CA LEU A 7 -22.30 15.06 -17.89
C LEU A 7 -21.30 15.10 -16.74
N ARG A 8 -21.32 16.20 -16.00
CA ARG A 8 -20.42 16.38 -14.87
C ARG A 8 -21.22 16.79 -13.64
N PRO A 9 -21.92 15.83 -13.02
CA PRO A 9 -22.69 16.18 -11.83
C PRO A 9 -21.78 16.66 -10.71
N LYS A 10 -22.29 17.57 -9.90
CA LYS A 10 -21.53 18.11 -8.78
C LYS A 10 -21.42 17.08 -7.68
N LEU A 11 -20.40 17.21 -6.85
CA LEU A 11 -20.21 16.32 -5.72
C LEU A 11 -21.32 16.61 -4.73
N SER A 12 -21.99 15.57 -4.24
CA SER A 12 -23.06 15.75 -3.28
C SER A 12 -22.43 16.14 -1.94
N GLU A 13 -23.25 16.61 -1.01
CA GLU A 13 -22.71 16.98 0.31
C GLU A 13 -22.08 15.76 0.96
N GLU A 14 -22.70 14.60 0.80
CA GLU A 14 -22.15 13.38 1.37
C GLU A 14 -20.81 13.03 0.75
N GLN A 15 -20.70 13.16 -0.57
CA GLN A 15 -19.44 12.85 -1.24
C GLN A 15 -18.34 13.82 -0.80
N GLN A 16 -18.72 15.07 -0.56
CA GLN A 16 -17.74 16.06 -0.11
C GLN A 16 -17.26 15.67 1.28
N ARG A 17 -18.20 15.20 2.10
CA ARG A 17 -17.91 14.77 3.45
C ARG A 17 -17.00 13.55 3.44
N ILE A 18 -17.27 12.61 2.53
CA ILE A 18 -16.45 11.40 2.42
C ILE A 18 -15.01 11.76 2.08
N ILE A 19 -14.83 12.67 1.13
CA ILE A 19 -13.49 13.09 0.73
C ILE A 19 -12.78 13.77 1.90
N ALA A 20 -13.49 14.65 2.61
CA ALA A 20 -12.90 15.35 3.75
C ALA A 20 -12.45 14.37 4.83
N ILE A 21 -13.30 13.39 5.10
CA ILE A 21 -13.00 12.38 6.11
C ILE A 21 -11.77 11.56 5.73
N LEU A 22 -11.68 11.16 4.46
CA LEU A 22 -10.54 10.38 4.00
C LEU A 22 -9.25 11.19 3.99
N LEU A 23 -9.32 12.47 3.64
CA LEU A 23 -8.11 13.29 3.64
C LEU A 23 -7.62 13.43 5.08
N ASP A 24 -8.55 13.66 6.00
CA ASP A 24 -8.22 13.81 7.41
C ASP A 24 -7.62 12.50 7.95
N ALA A 25 -8.25 11.39 7.58
CA ALA A 25 -7.79 10.08 8.03
C ALA A 25 -6.36 9.82 7.57
N HIS A 26 -6.07 10.16 6.32
CA HIS A 26 -4.73 9.97 5.78
C HIS A 26 -3.72 10.88 6.46
N HIS A 27 -4.10 12.14 6.68
CA HIS A 27 -3.20 13.11 7.33
C HIS A 27 -2.86 12.70 8.76
N LYS A 28 -3.76 11.97 9.39
CA LYS A 28 -3.56 11.51 10.76
C LYS A 28 -2.77 10.21 10.84
N THR A 29 -2.73 9.46 9.73
CA THR A 29 -2.03 8.17 9.71
C THR A 29 -0.83 8.06 8.80
N TYR A 30 -0.48 9.14 8.11
CA TYR A 30 0.69 9.15 7.24
C TYR A 30 1.54 10.37 7.54
N ASP A 31 2.64 10.14 8.26
CA ASP A 31 3.59 11.19 8.62
C ASP A 31 4.52 11.43 7.44
N PRO A 32 4.36 12.57 6.74
CA PRO A 32 5.21 12.88 5.58
C PRO A 32 6.67 13.21 5.90
N THR A 33 7.03 13.23 7.19
CA THR A 33 8.40 13.51 7.59
C THR A 33 9.10 12.22 8.01
N TYR A 34 8.34 11.14 8.14
CA TYR A 34 8.87 9.83 8.50
C TYR A 34 9.68 9.90 9.80
N SER A 35 9.24 10.76 10.71
CA SER A 35 9.93 10.97 11.98
C SER A 35 9.99 9.79 12.95
N ASP A 36 9.15 8.77 12.76
CA ASP A 36 9.17 7.61 13.65
C ASP A 36 10.15 6.53 13.21
N PHE A 37 10.62 6.62 11.97
CA PHE A 37 11.51 5.61 11.40
C PHE A 37 12.80 5.31 12.17
N CYS A 38 13.28 6.28 12.94
CA CYS A 38 14.50 6.07 13.71
C CYS A 38 14.23 5.14 14.90
N GLN A 39 12.95 4.85 15.15
CA GLN A 39 12.58 3.97 16.25
C GLN A 39 12.61 2.50 15.85
N PHE A 40 12.66 2.24 14.54
CA PHE A 40 12.69 0.87 14.04
C PHE A 40 14.07 0.27 14.26
N ARG A 41 14.17 -1.05 14.19
CA ARG A 41 15.48 -1.68 14.31
C ARG A 41 16.25 -1.05 13.16
N PRO A 42 17.54 -0.74 13.37
CA PRO A 42 18.36 -0.11 12.34
C PRO A 42 18.56 -0.85 11.02
N PRO A 43 18.60 -0.08 9.92
CA PRO A 43 18.80 -0.71 8.62
C PRO A 43 20.27 -1.08 8.55
N VAL A 44 20.56 -2.24 7.97
CA VAL A 44 21.93 -2.71 7.82
C VAL A 44 22.08 -3.18 6.37
N ARG A 45 23.13 -2.70 5.70
CA ARG A 45 23.36 -3.06 4.31
C ARG A 45 24.67 -3.83 4.13
N VAL A 46 24.57 -5.16 4.02
CA VAL A 46 25.75 -5.98 3.82
C VAL A 46 26.27 -5.75 2.40
N ASN A 47 27.56 -6.00 2.19
CA ASN A 47 28.14 -5.84 0.86
C ASN A 47 27.63 -6.97 -0.01
N ASP A 48 26.76 -6.64 -0.96
CA ASP A 48 26.19 -7.65 -1.84
C ASP A 48 26.02 -7.13 -3.26
N GLY A 49 27.08 -6.56 -3.81
CA GLY A 49 27.02 -6.03 -5.15
C GLY A 49 26.65 -7.10 -6.17
N GLY A 50 26.98 -8.34 -5.86
CA GLY A 50 26.68 -9.44 -6.77
C GLY A 50 25.26 -9.97 -6.72
N GLY A 51 24.47 -9.51 -5.75
CA GLY A 51 23.11 -9.97 -5.63
C GLY A 51 23.06 -11.47 -5.37
N SER A 52 23.82 -11.91 -4.38
CA SER A 52 23.87 -13.33 -4.01
C SER A 52 22.68 -13.75 -3.16
N VAL A 53 21.87 -14.68 -3.66
CA VAL A 53 20.71 -15.13 -2.91
C VAL A 53 21.16 -15.82 -1.62
N THR A 54 22.24 -16.59 -1.71
CA THR A 54 22.76 -17.31 -0.55
C THR A 54 23.17 -16.34 0.55
N LEU A 55 23.88 -15.29 0.18
CA LEU A 55 24.32 -14.27 1.15
C LEU A 55 23.12 -13.51 1.70
N GLU A 56 22.21 -13.13 0.81
CA GLU A 56 21.03 -12.37 1.21
C GLU A 56 20.20 -13.13 2.25
N LEU A 57 20.02 -14.44 2.03
CA LEU A 57 19.26 -15.25 2.98
C LEU A 57 20.03 -15.53 4.27
N SER A 58 21.35 -15.66 4.16
CA SER A 58 22.14 -15.93 5.35
C SER A 58 22.13 -14.74 6.31
N GLN A 59 22.08 -13.54 5.75
CA GLN A 59 22.09 -12.31 6.56
C GLN A 59 20.75 -11.63 6.76
N LEU A 60 19.97 -11.49 5.69
CA LEU A 60 18.68 -10.81 5.77
C LEU A 60 18.90 -9.52 6.56
N SER A 61 19.98 -8.82 6.21
CA SER A 61 20.39 -7.60 6.89
C SER A 61 19.36 -6.46 6.96
N MET A 62 18.58 -6.29 5.90
CA MET A 62 17.58 -5.23 5.88
C MET A 62 16.20 -5.69 6.35
N LEU A 63 16.05 -6.97 6.62
CA LEU A 63 14.74 -7.49 7.03
C LEU A 63 14.19 -6.92 8.33
N PRO A 64 15.01 -6.81 9.39
CA PRO A 64 14.47 -6.26 10.64
C PRO A 64 13.91 -4.85 10.46
N HIS A 65 14.67 -3.99 9.78
CA HIS A 65 14.23 -2.62 9.56
C HIS A 65 12.99 -2.55 8.65
N LEU A 66 13.01 -3.27 7.53
CA LEU A 66 11.87 -3.23 6.62
C LEU A 66 10.65 -3.92 7.20
N ALA A 67 10.86 -4.94 8.03
CA ALA A 67 9.75 -5.64 8.65
C ALA A 67 9.09 -4.67 9.63
N ASP A 68 9.91 -3.90 10.33
CA ASP A 68 9.40 -2.91 11.30
C ASP A 68 8.63 -1.82 10.57
N LEU A 69 9.16 -1.38 9.42
CA LEU A 69 8.51 -0.35 8.61
C LEU A 69 7.16 -0.86 8.09
N VAL A 70 7.13 -2.08 7.60
CA VAL A 70 5.89 -2.65 7.09
C VAL A 70 4.90 -2.85 8.24
N SER A 71 5.41 -3.34 9.37
CA SER A 71 4.55 -3.56 10.53
C SER A 71 3.94 -2.24 11.00
N TYR A 72 4.78 -1.20 11.09
CA TYR A 72 4.35 0.14 11.48
C TYR A 72 3.27 0.63 10.51
N SER A 73 3.52 0.40 9.23
CA SER A 73 2.60 0.82 8.18
C SER A 73 1.27 0.09 8.23
N ILE A 74 1.29 -1.20 8.59
CA ILE A 74 0.06 -1.97 8.69
C ILE A 74 -0.78 -1.36 9.81
N GLN A 75 -0.13 -0.97 10.90
CA GLN A 75 -0.86 -0.36 12.00
C GLN A 75 -1.52 0.94 11.53
N LYS A 76 -0.80 1.71 10.74
CA LYS A 76 -1.35 2.97 10.23
C LYS A 76 -2.53 2.71 9.27
N VAL A 77 -2.39 1.67 8.44
CA VAL A 77 -3.45 1.30 7.50
C VAL A 77 -4.70 0.85 8.26
N ILE A 78 -4.51 0.15 9.37
CA ILE A 78 -5.64 -0.29 10.18
C ILE A 78 -6.37 0.97 10.67
N GLY A 79 -5.60 1.94 11.13
CA GLY A 79 -6.18 3.19 11.61
C GLY A 79 -6.91 3.94 10.51
N PHE A 80 -6.33 3.98 9.32
CA PHE A 80 -6.94 4.64 8.18
C PHE A 80 -8.25 3.97 7.82
N ALA A 81 -8.21 2.65 7.70
CA ALA A 81 -9.39 1.86 7.34
C ALA A 81 -10.56 2.08 8.30
N LYS A 82 -10.28 2.14 9.59
CA LYS A 82 -11.34 2.33 10.57
C LYS A 82 -12.07 3.66 10.39
N MET A 83 -11.43 4.61 9.72
CA MET A 83 -12.03 5.91 9.48
C MET A 83 -12.78 6.00 8.14
N ILE A 84 -12.65 4.97 7.32
CA ILE A 84 -13.34 4.97 6.04
C ILE A 84 -14.84 4.94 6.30
N PRO A 85 -15.59 5.89 5.75
CA PRO A 85 -17.04 5.91 5.97
C PRO A 85 -17.66 4.56 5.60
N GLY A 86 -18.34 3.93 6.55
CA GLY A 86 -18.97 2.65 6.29
C GLY A 86 -18.21 1.42 6.76
N PHE A 87 -16.89 1.55 6.91
CA PHE A 87 -16.08 0.42 7.34
C PHE A 87 -16.56 -0.15 8.68
N ARG A 88 -16.96 0.75 9.58
CA ARG A 88 -17.43 0.34 10.90
C ARG A 88 -18.78 -0.39 10.85
N ASP A 89 -19.49 -0.26 9.74
CA ASP A 89 -20.79 -0.92 9.59
C ASP A 89 -20.59 -2.41 9.31
N LEU A 90 -19.37 -2.78 8.91
CA LEU A 90 -19.04 -4.17 8.62
C LEU A 90 -18.79 -4.93 9.92
N THR A 91 -19.00 -6.25 9.88
CA THR A 91 -18.77 -7.08 11.05
C THR A 91 -17.26 -7.10 11.30
N SER A 92 -16.87 -7.37 12.54
CA SER A 92 -15.46 -7.43 12.90
C SER A 92 -14.73 -8.44 12.01
N GLU A 93 -15.40 -9.57 11.77
CA GLU A 93 -14.83 -10.64 10.95
C GLU A 93 -14.50 -10.17 9.53
N ASP A 94 -15.41 -9.43 8.90
CA ASP A 94 -15.18 -8.94 7.56
C ASP A 94 -14.12 -7.82 7.56
N GLN A 95 -14.12 -7.01 8.61
CA GLN A 95 -13.13 -5.94 8.71
C GLN A 95 -11.72 -6.53 8.73
N ILE A 96 -11.53 -7.57 9.53
CA ILE A 96 -10.22 -8.22 9.63
C ILE A 96 -9.83 -8.90 8.32
N VAL A 97 -10.78 -9.55 7.66
CA VAL A 97 -10.49 -10.22 6.39
C VAL A 97 -10.00 -9.19 5.37
N LEU A 98 -10.71 -8.05 5.29
CA LEU A 98 -10.35 -7.00 4.34
C LEU A 98 -8.98 -6.38 4.66
N LEU A 99 -8.70 -6.16 5.94
CA LEU A 99 -7.43 -5.57 6.34
C LEU A 99 -6.26 -6.51 6.03
N LYS A 100 -6.39 -7.79 6.39
CA LYS A 100 -5.32 -8.74 6.13
C LYS A 100 -5.05 -8.94 4.65
N SER A 101 -6.09 -9.02 3.85
CA SER A 101 -5.91 -9.23 2.42
C SER A 101 -5.38 -8.02 1.64
N SER A 102 -5.70 -6.81 2.11
CA SER A 102 -5.26 -5.61 1.39
C SER A 102 -4.02 -4.92 1.94
N ALA A 103 -3.64 -5.25 3.17
CA ALA A 103 -2.48 -4.64 3.82
C ALA A 103 -1.27 -4.36 2.93
N ILE A 104 -0.71 -5.39 2.31
CA ILE A 104 0.47 -5.19 1.48
C ILE A 104 0.18 -4.30 0.27
N GLU A 105 -1.04 -4.38 -0.26
CA GLU A 105 -1.41 -3.55 -1.41
C GLU A 105 -1.51 -2.07 -1.00
N VAL A 106 -2.10 -1.80 0.16
CA VAL A 106 -2.22 -0.42 0.60
C VAL A 106 -0.86 0.14 0.95
N ILE A 107 0.04 -0.72 1.43
CA ILE A 107 1.38 -0.29 1.74
C ILE A 107 2.06 0.13 0.43
N MET A 108 1.91 -0.69 -0.61
CA MET A 108 2.52 -0.34 -1.89
C MET A 108 1.95 0.97 -2.42
N LEU A 109 0.64 1.16 -2.29
CA LEU A 109 -0.01 2.38 -2.74
C LEU A 109 0.45 3.62 -1.95
N ARG A 110 0.39 3.54 -0.63
CA ARG A 110 0.76 4.69 0.20
C ARG A 110 2.24 5.03 0.09
N SER A 111 3.07 4.04 -0.21
CA SER A 111 4.50 4.28 -0.33
C SER A 111 4.83 5.15 -1.54
N ASN A 112 3.86 5.30 -2.44
CA ASN A 112 4.10 6.10 -3.63
C ASN A 112 4.39 7.55 -3.24
N GLU A 113 3.97 7.95 -2.05
CA GLU A 113 4.18 9.31 -1.58
C GLU A 113 5.66 9.58 -1.28
N SER A 114 6.40 8.54 -0.86
CA SER A 114 7.82 8.71 -0.58
C SER A 114 8.68 8.31 -1.79
N PHE A 115 8.08 7.57 -2.71
CA PHE A 115 8.79 7.15 -3.91
C PHE A 115 9.10 8.39 -4.74
N THR A 116 10.27 8.41 -5.38
CA THR A 116 10.66 9.53 -6.22
C THR A 116 11.33 9.04 -7.50
N MET A 117 10.94 9.62 -8.63
CA MET A 117 11.52 9.23 -9.89
C MET A 117 12.87 9.91 -10.11
N ASP A 118 13.28 10.73 -9.15
CA ASP A 118 14.57 11.41 -9.23
C ASP A 118 15.65 10.33 -9.36
N ASP A 119 15.54 9.29 -8.53
CA ASP A 119 16.51 8.19 -8.54
C ASP A 119 15.88 6.82 -8.32
N MET A 120 14.56 6.75 -8.51
CA MET A 120 13.82 5.49 -8.35
C MET A 120 13.95 4.85 -6.98
N SER A 121 13.83 5.66 -5.93
CA SER A 121 13.94 5.16 -4.58
C SER A 121 12.78 5.68 -3.74
N TRP A 122 12.62 5.11 -2.55
CA TRP A 122 11.59 5.57 -1.61
C TRP A 122 12.48 6.39 -0.67
N THR A 123 12.41 7.71 -0.79
CA THR A 123 13.24 8.59 0.04
C THR A 123 12.50 9.09 1.27
N CYS A 124 12.90 8.57 2.43
CA CYS A 124 12.27 8.95 3.69
C CYS A 124 13.24 9.63 4.64
N GLY A 125 14.27 10.25 4.08
CA GLY A 125 15.24 10.95 4.92
C GLY A 125 16.63 10.89 4.33
N ASN A 126 17.63 10.92 5.19
CA ASN A 126 19.02 10.86 4.75
C ASN A 126 19.30 9.48 4.17
N GLN A 127 20.56 9.26 3.78
CA GLN A 127 20.98 7.99 3.20
C GLN A 127 20.45 6.77 3.93
N ASP A 128 20.46 6.80 5.25
CA ASP A 128 19.99 5.68 6.05
C ASP A 128 18.56 5.27 5.74
N TYR A 129 17.69 6.25 5.51
CA TYR A 129 16.29 5.97 5.24
C TYR A 129 15.87 6.13 3.79
N LYS A 130 16.82 5.87 2.89
CA LYS A 130 16.56 5.92 1.47
C LYS A 130 16.54 4.46 1.06
N TYR A 131 15.40 3.98 0.59
CA TYR A 131 15.26 2.58 0.20
C TYR A 131 15.28 2.36 -1.30
N ARG A 132 16.18 1.48 -1.74
CA ARG A 132 16.34 1.14 -3.15
C ARG A 132 16.03 -0.33 -3.37
N VAL A 133 15.92 -0.74 -4.62
CA VAL A 133 15.62 -2.14 -4.93
C VAL A 133 16.65 -3.07 -4.29
N SER A 134 17.88 -2.59 -4.14
CA SER A 134 18.93 -3.40 -3.54
C SER A 134 18.66 -3.70 -2.07
N ASP A 135 17.87 -2.85 -1.41
CA ASP A 135 17.54 -3.08 -0.02
C ASP A 135 16.47 -4.16 0.09
N VAL A 136 15.60 -4.24 -0.92
CA VAL A 136 14.55 -5.24 -0.92
C VAL A 136 15.19 -6.62 -1.14
N THR A 137 16.24 -6.68 -1.96
CA THR A 137 16.90 -7.95 -2.18
C THR A 137 17.61 -8.36 -0.89
N LYS A 138 18.07 -7.37 -0.12
CA LYS A 138 18.74 -7.66 1.14
C LYS A 138 17.74 -8.09 2.21
N ALA A 139 16.45 -8.02 1.88
CA ALA A 139 15.41 -8.44 2.82
C ALA A 139 14.89 -9.81 2.41
N GLY A 140 15.54 -10.43 1.43
CA GLY A 140 15.14 -11.75 1.00
C GLY A 140 14.21 -11.89 -0.20
N HIS A 141 13.91 -10.79 -0.88
CA HIS A 141 13.03 -10.83 -2.04
C HIS A 141 13.79 -10.82 -3.35
N SER A 142 13.16 -11.31 -4.40
CA SER A 142 13.79 -11.39 -5.71
C SER A 142 13.21 -10.41 -6.73
N LEU A 143 13.85 -10.37 -7.89
CA LEU A 143 13.47 -9.49 -9.00
C LEU A 143 12.03 -9.70 -9.48
N GLU A 144 11.51 -10.91 -9.34
CA GLU A 144 10.15 -11.22 -9.77
C GLU A 144 9.13 -10.32 -9.09
N LEU A 145 9.47 -9.79 -7.91
CA LEU A 145 8.57 -8.88 -7.20
C LEU A 145 9.05 -7.45 -7.38
N ILE A 146 10.36 -7.24 -7.20
CA ILE A 146 10.95 -5.93 -7.32
C ILE A 146 10.72 -5.21 -8.65
N GLU A 147 10.96 -5.91 -9.75
CA GLU A 147 10.77 -5.33 -11.07
C GLU A 147 9.36 -4.76 -11.27
N PRO A 148 8.33 -5.60 -11.11
CA PRO A 148 6.97 -5.09 -11.29
C PRO A 148 6.59 -4.05 -10.24
N LEU A 149 7.22 -4.10 -9.08
CA LEU A 149 6.91 -3.13 -8.03
C LEU A 149 7.36 -1.74 -8.46
N ILE A 150 8.58 -1.64 -8.99
CA ILE A 150 9.09 -0.35 -9.43
C ILE A 150 8.29 0.16 -10.61
N LYS A 151 7.92 -0.74 -11.51
CA LYS A 151 7.14 -0.37 -12.68
C LYS A 151 5.81 0.20 -12.19
N PHE A 152 5.24 -0.44 -11.17
CA PHE A 152 3.97 0.01 -10.58
C PHE A 152 4.12 1.40 -9.98
N GLN A 153 5.20 1.62 -9.24
CA GLN A 153 5.42 2.93 -8.61
C GLN A 153 5.52 4.04 -9.65
N VAL A 154 6.27 3.78 -10.73
CA VAL A 154 6.42 4.78 -11.77
C VAL A 154 5.08 5.03 -12.48
N GLY A 155 4.35 3.96 -12.75
CA GLY A 155 3.06 4.11 -13.43
C GLY A 155 2.08 4.91 -12.60
N LEU A 156 2.10 4.68 -11.29
CA LEU A 156 1.21 5.39 -10.38
C LEU A 156 1.63 6.85 -10.28
N LYS A 157 2.95 7.08 -10.19
CA LYS A 157 3.47 8.43 -10.11
C LYS A 157 3.01 9.26 -11.29
N LYS A 158 3.12 8.68 -12.48
CA LYS A 158 2.76 9.38 -13.70
C LYS A 158 1.28 9.70 -13.85
N LEU A 159 0.44 9.15 -12.98
CA LEU A 159 -0.99 9.45 -13.03
C LEU A 159 -1.23 10.81 -12.41
N ASN A 160 -0.23 11.32 -11.68
CA ASN A 160 -0.33 12.63 -11.04
C ASN A 160 -1.64 12.78 -10.28
N LEU A 161 -1.94 11.81 -9.43
CA LEU A 161 -3.18 11.85 -8.66
C LEU A 161 -3.27 12.99 -7.65
N HIS A 162 -4.47 13.55 -7.51
CA HIS A 162 -4.69 14.59 -6.52
C HIS A 162 -4.73 13.78 -5.23
N GLU A 163 -4.48 14.40 -4.08
CA GLU A 163 -4.52 13.64 -2.84
C GLU A 163 -5.90 13.04 -2.64
N GLU A 164 -6.92 13.75 -3.12
CA GLU A 164 -8.30 13.28 -3.02
C GLU A 164 -8.44 11.92 -3.72
N GLU A 165 -7.85 11.81 -4.90
CA GLU A 165 -7.92 10.58 -5.67
C GLU A 165 -7.08 9.48 -5.02
N HIS A 166 -5.94 9.88 -4.47
CA HIS A 166 -5.03 8.96 -3.81
C HIS A 166 -5.71 8.27 -2.62
N VAL A 167 -6.33 9.04 -1.73
CA VAL A 167 -6.98 8.46 -0.55
C VAL A 167 -8.22 7.65 -0.93
N LEU A 168 -8.91 8.05 -1.98
CA LEU A 168 -10.09 7.30 -2.41
C LEU A 168 -9.63 5.95 -2.97
N LEU A 169 -8.52 5.94 -3.70
CA LEU A 169 -8.01 4.69 -4.25
C LEU A 169 -7.64 3.71 -3.14
N MET A 170 -6.99 4.20 -2.10
CA MET A 170 -6.61 3.32 -0.99
C MET A 170 -7.87 2.76 -0.32
N ALA A 171 -8.89 3.60 -0.16
CA ALA A 171 -10.14 3.18 0.48
C ALA A 171 -10.83 2.10 -0.36
N ILE A 172 -10.88 2.33 -1.67
CA ILE A 172 -11.51 1.39 -2.59
C ILE A 172 -10.75 0.07 -2.56
N CYS A 173 -9.43 0.15 -2.47
CA CYS A 173 -8.59 -1.06 -2.42
C CYS A 173 -8.95 -1.93 -1.21
N ILE A 174 -9.09 -1.30 -0.05
CA ILE A 174 -9.40 -2.00 1.20
C ILE A 174 -10.80 -2.58 1.21
N VAL A 175 -11.79 -1.77 0.82
CA VAL A 175 -13.17 -2.22 0.81
C VAL A 175 -13.51 -2.91 -0.51
N SER A 176 -12.94 -4.09 -0.72
CA SER A 176 -13.16 -4.87 -1.94
C SER A 176 -13.99 -6.10 -1.61
N PRO A 177 -15.13 -6.27 -2.31
CA PRO A 177 -16.00 -7.43 -2.06
C PRO A 177 -15.46 -8.75 -2.59
N ASP A 178 -14.46 -8.70 -3.45
CA ASP A 178 -13.88 -9.92 -4.03
C ASP A 178 -12.64 -10.42 -3.33
N ARG A 179 -12.65 -10.42 -2.00
CA ARG A 179 -11.52 -10.91 -1.22
C ARG A 179 -11.97 -12.26 -0.66
N PRO A 180 -11.07 -13.26 -0.67
CA PRO A 180 -11.46 -14.58 -0.15
C PRO A 180 -11.80 -14.56 1.34
N GLY A 181 -12.91 -15.19 1.69
CA GLY A 181 -13.31 -15.25 3.09
C GLY A 181 -14.32 -14.22 3.56
N VAL A 182 -14.62 -13.23 2.71
CA VAL A 182 -15.59 -12.21 3.10
C VAL A 182 -16.97 -12.84 3.22
N GLN A 183 -17.73 -12.42 4.22
CA GLN A 183 -19.06 -12.97 4.41
C GLN A 183 -20.14 -12.11 3.75
N ASP A 184 -20.22 -10.83 4.13
CA ASP A 184 -21.24 -9.97 3.54
C ASP A 184 -20.69 -9.15 2.38
N ALA A 185 -20.48 -9.83 1.25
CA ALA A 185 -19.95 -9.20 0.06
C ALA A 185 -20.86 -8.08 -0.45
N ALA A 186 -22.17 -8.25 -0.31
CA ALA A 186 -23.13 -7.25 -0.77
C ALA A 186 -22.93 -5.92 -0.05
N LEU A 187 -22.79 -5.96 1.27
CA LEU A 187 -22.59 -4.73 2.04
C LEU A 187 -21.26 -4.09 1.67
N ILE A 188 -20.23 -4.91 1.52
CA ILE A 188 -18.90 -4.42 1.18
C ILE A 188 -18.95 -3.74 -0.20
N GLU A 189 -19.66 -4.36 -1.13
CA GLU A 189 -19.78 -3.81 -2.48
C GLU A 189 -20.55 -2.49 -2.47
N ALA A 190 -21.56 -2.40 -1.62
CA ALA A 190 -22.35 -1.17 -1.51
C ALA A 190 -21.46 -0.05 -1.02
N ILE A 191 -20.62 -0.35 -0.03
CA ILE A 191 -19.70 0.63 0.52
C ILE A 191 -18.67 1.03 -0.53
N GLN A 192 -18.12 0.04 -1.23
CA GLN A 192 -17.14 0.33 -2.27
C GLN A 192 -17.76 1.17 -3.39
N ASP A 193 -18.98 0.84 -3.78
CA ASP A 193 -19.65 1.60 -4.84
C ASP A 193 -19.81 3.06 -4.45
N ARG A 194 -20.12 3.31 -3.18
CA ARG A 194 -20.28 4.68 -2.69
C ARG A 194 -18.94 5.41 -2.85
N LEU A 195 -17.84 4.72 -2.57
CA LEU A 195 -16.52 5.30 -2.70
C LEU A 195 -16.13 5.46 -4.16
N SER A 196 -16.44 4.46 -4.98
CA SER A 196 -16.13 4.51 -6.41
C SER A 196 -16.88 5.64 -7.10
N ASN A 197 -18.16 5.79 -6.78
CA ASN A 197 -18.95 6.85 -7.38
C ASN A 197 -18.41 8.21 -6.98
N THR A 198 -17.90 8.31 -5.75
CA THR A 198 -17.33 9.56 -5.28
C THR A 198 -16.09 9.87 -6.13
N LEU A 199 -15.24 8.87 -6.34
CA LEU A 199 -14.04 9.05 -7.14
C LEU A 199 -14.36 9.42 -8.60
N GLN A 200 -15.31 8.71 -9.21
CA GLN A 200 -15.67 9.00 -10.59
C GLN A 200 -16.20 10.43 -10.72
N THR A 201 -17.03 10.84 -9.77
CA THR A 201 -17.62 12.18 -9.75
C THR A 201 -16.54 13.23 -9.55
N TYR A 202 -15.63 12.99 -8.61
CA TYR A 202 -14.55 13.92 -8.35
C TYR A 202 -13.70 14.11 -9.60
N ILE A 203 -13.33 13.01 -10.26
CA ILE A 203 -12.50 13.09 -11.46
C ILE A 203 -13.17 13.90 -12.58
N ARG A 204 -14.45 13.63 -12.81
CA ARG A 204 -15.18 14.31 -13.87
C ARG A 204 -15.42 15.81 -13.66
N CYS A 205 -15.47 16.27 -12.42
CA CYS A 205 -15.70 17.69 -12.22
C CYS A 205 -14.55 18.45 -11.57
N ARG A 206 -13.53 17.73 -11.11
CA ARG A 206 -12.39 18.39 -10.45
C ARG A 206 -11.03 18.15 -11.08
N HIS A 207 -10.93 17.15 -11.94
CA HIS A 207 -9.64 16.85 -12.56
C HIS A 207 -9.57 17.41 -13.98
N PRO A 208 -8.71 18.42 -14.19
CA PRO A 208 -8.55 19.06 -15.50
C PRO A 208 -7.82 18.17 -16.51
N PRO A 209 -8.05 18.42 -17.80
CA PRO A 209 -7.40 17.64 -18.87
C PRO A 209 -5.95 18.07 -19.08
N PRO A 210 -5.15 17.23 -19.74
CA PRO A 210 -5.52 15.92 -20.31
C PRO A 210 -5.28 14.77 -19.34
N GLY A 211 -4.85 15.09 -18.13
CA GLY A 211 -4.58 14.06 -17.13
C GLY A 211 -5.82 13.31 -16.65
N SER A 212 -6.99 13.85 -16.95
CA SER A 212 -8.25 13.22 -16.54
C SER A 212 -8.75 12.19 -17.55
N HIS A 213 -8.19 12.21 -18.75
CA HIS A 213 -8.58 11.28 -19.80
C HIS A 213 -8.48 9.82 -19.37
N LEU A 214 -9.62 9.15 -19.21
CA LEU A 214 -9.64 7.76 -18.82
C LEU A 214 -8.87 7.52 -17.52
N LEU A 215 -8.78 8.54 -16.68
CA LEU A 215 -8.05 8.41 -15.43
C LEU A 215 -8.65 7.34 -14.52
N TYR A 216 -9.97 7.30 -14.44
CA TYR A 216 -10.63 6.31 -13.60
C TYR A 216 -10.26 4.89 -14.03
N ALA A 217 -10.28 4.64 -15.33
CA ALA A 217 -9.93 3.32 -15.85
C ALA A 217 -8.49 2.98 -15.50
N LYS A 218 -7.60 3.97 -15.60
CA LYS A 218 -6.19 3.75 -15.28
C LYS A 218 -6.03 3.43 -13.79
N MET A 219 -6.81 4.09 -12.95
CA MET A 219 -6.73 3.86 -11.51
C MET A 219 -7.24 2.46 -11.16
N ILE A 220 -8.31 2.04 -11.82
CA ILE A 220 -8.87 0.71 -11.59
C ILE A 220 -7.87 -0.36 -12.03
N GLN A 221 -7.14 -0.08 -13.11
CA GLN A 221 -6.13 -1.03 -13.60
C GLN A 221 -5.02 -1.20 -12.57
N LYS A 222 -4.71 -0.12 -11.85
CA LYS A 222 -3.66 -0.19 -10.84
C LYS A 222 -4.09 -1.10 -9.70
N LEU A 223 -5.40 -1.19 -9.45
CA LEU A 223 -5.90 -2.06 -8.39
C LEU A 223 -5.70 -3.51 -8.83
N ALA A 224 -5.80 -3.76 -10.13
CA ALA A 224 -5.60 -5.11 -10.66
C ALA A 224 -4.11 -5.44 -10.53
N ASP A 225 -3.27 -4.47 -10.85
CA ASP A 225 -1.82 -4.63 -10.76
C ASP A 225 -1.43 -5.03 -9.34
N LEU A 226 -2.06 -4.38 -8.36
CA LEU A 226 -1.79 -4.66 -6.96
C LEU A 226 -2.11 -6.11 -6.57
N ARG A 227 -3.17 -6.67 -7.14
CA ARG A 227 -3.55 -8.04 -6.85
C ARG A 227 -2.40 -8.96 -7.25
N SER A 228 -1.82 -8.67 -8.41
CA SER A 228 -0.70 -9.45 -8.93
C SER A 228 0.52 -9.33 -8.03
N LEU A 229 0.81 -8.11 -7.58
CA LEU A 229 1.94 -7.87 -6.70
C LEU A 229 1.70 -8.57 -5.35
N ASN A 230 0.45 -8.56 -4.90
CA ASN A 230 0.08 -9.18 -3.63
C ASN A 230 0.42 -10.67 -3.68
N GLU A 231 -0.02 -11.33 -4.75
CA GLU A 231 0.22 -12.76 -4.91
C GLU A 231 1.71 -13.08 -5.01
N GLU A 232 2.45 -12.24 -5.72
CA GLU A 232 3.89 -12.48 -5.86
C GLU A 232 4.59 -12.26 -4.52
N HIS A 233 4.17 -11.25 -3.77
CA HIS A 233 4.78 -11.01 -2.47
C HIS A 233 4.51 -12.20 -1.55
N SER A 234 3.30 -12.74 -1.64
CA SER A 234 2.92 -13.87 -0.79
C SER A 234 3.79 -15.09 -1.08
N LYS A 235 4.05 -15.35 -2.36
CA LYS A 235 4.87 -16.49 -2.75
C LYS A 235 6.27 -16.35 -2.17
N GLN A 236 6.83 -15.16 -2.29
CA GLN A 236 8.17 -14.91 -1.79
C GLN A 236 8.26 -14.87 -0.27
N TYR A 237 7.19 -14.42 0.37
CA TYR A 237 7.17 -14.39 1.82
C TYR A 237 7.26 -15.84 2.32
N ARG A 238 6.60 -16.74 1.61
CA ARG A 238 6.61 -18.14 1.96
C ARG A 238 8.04 -18.67 1.97
N CYS A 239 8.78 -18.40 0.91
CA CYS A 239 10.18 -18.84 0.81
C CYS A 239 10.99 -18.23 1.95
N LEU A 240 10.78 -16.94 2.17
CA LEU A 240 11.47 -16.22 3.23
C LEU A 240 11.25 -16.89 4.58
N SER A 241 10.02 -17.31 4.85
CA SER A 241 9.68 -17.95 6.12
C SER A 241 10.40 -19.28 6.37
N PHE A 242 10.93 -19.89 5.32
CA PHE A 242 11.64 -21.15 5.46
C PHE A 242 13.03 -20.93 6.04
N GLN A 243 13.51 -19.69 6.03
CA GLN A 243 14.83 -19.41 6.55
C GLN A 243 14.85 -19.48 8.07
N PRO A 244 15.70 -20.35 8.64
CA PRO A 244 15.77 -20.48 10.09
C PRO A 244 16.01 -19.13 10.78
N GLU A 245 15.29 -18.89 11.88
CA GLU A 245 15.41 -17.65 12.66
C GLU A 245 14.77 -16.44 11.99
N CYS A 246 14.05 -16.68 10.89
CA CYS A 246 13.39 -15.57 10.19
C CYS A 246 12.33 -14.89 11.05
N SER A 247 11.59 -15.67 11.83
CA SER A 247 10.52 -15.10 12.67
C SER A 247 11.00 -13.96 13.56
N MET A 248 12.21 -14.09 14.10
CA MET A 248 12.78 -13.08 14.98
C MET A 248 13.05 -11.77 14.24
N LYS A 249 13.22 -11.85 12.93
CA LYS A 249 13.48 -10.66 12.13
C LYS A 249 12.20 -9.98 11.67
N LEU A 250 11.07 -10.62 11.94
CA LEU A 250 9.78 -10.06 11.56
C LEU A 250 9.11 -9.47 12.81
N THR A 251 7.78 -9.41 12.81
CA THR A 251 7.03 -8.92 13.97
C THR A 251 5.78 -9.76 14.08
N PRO A 252 5.18 -9.83 15.27
CA PRO A 252 3.95 -10.63 15.43
C PRO A 252 2.86 -10.24 14.44
N LEU A 253 2.72 -8.94 14.17
CA LEU A 253 1.70 -8.47 13.24
C LEU A 253 2.02 -8.94 11.82
N VAL A 254 3.26 -8.79 11.41
CA VAL A 254 3.67 -9.23 10.07
C VAL A 254 3.48 -10.73 9.92
N LEU A 255 3.86 -11.48 10.96
CA LEU A 255 3.72 -12.94 10.93
C LEU A 255 2.27 -13.35 10.73
N GLU A 256 1.36 -12.67 11.42
CA GLU A 256 -0.06 -13.00 11.29
C GLU A 256 -0.64 -12.63 9.93
N VAL A 257 -0.39 -11.39 9.51
CA VAL A 257 -0.91 -10.90 8.24
C VAL A 257 -0.46 -11.71 7.03
N PHE A 258 0.82 -12.08 7.00
CA PHE A 258 1.35 -12.82 5.85
C PHE A 258 1.54 -14.32 6.08
N GLY A 259 1.44 -14.75 7.34
CA GLY A 259 1.60 -16.16 7.65
C GLY A 259 0.32 -16.95 7.43
#